data_7P9U
#
_entry.id   7P9U
#
_cell.length_a   1.00
_cell.length_b   1.00
_cell.length_c   1.00
_cell.angle_alpha   90.00
_cell.angle_beta   90.00
_cell.angle_gamma   90.00
#
_symmetry.space_group_name_H-M   'P 1'
#
loop_
_entity.id
_entity.type
_entity.pdbx_description
1 polymer '4F2 cell-surface antigen heavy chain'
2 polymer 'Cystine/glutamate transporter'
3 non-polymer 'GLUTAMIC ACID'
#
loop_
_entity_poly.entity_id
_entity_poly.type
_entity_poly.pdbx_seq_one_letter_code
_entity_poly.pdbx_strand_id
1 'polypeptide(L)'
;MHHHHHHHHELQPPEASIAVVSIPRQLPGSHSEAGVQGLSAGDDSELGSHCVAQTGLELLASGDPLPSASQNAEMIETGS
DCVTQAGLQLLASSDPPALASKNAEVTGTMSQDTEVDMKEVELNELEPEKQPMNAASGAAMSLAGAEKNGLVKIKVAEDE
AEAAAAAKFTGLSKEELLKVAGSPGWVRTRWALLLLFWLGWLGMLAGAVVIIVRAPRCRELPAQKWWHTGALYRIGDLQA
FQGHGAGNLAGLKGRLDYLSSLKVKGLVLGPIHKNQKDDVAQTDLLQIDPNFGSKEDFDSLLQSAKKKSIRVILDLTPNY
RGENSWFSTQVDTVATKVKDALEFWLQAGVDGFQVRDIENLKDASSFLAEWQNITKGFSEDRLLIAGTNSSDLQQILSLL
ESNKDLLLTSSYLSDSGSTGEHTKSLVTQYLNATGNRWCSWSLSQARLLTSFLPAQLLRLYQLMLFTLPGTPVFSYGDEI
GLDAAALPGQPMEAPVMLWDESSFPDIPGAVSANMTVKGQSEDPGSLLSLFRRLSDQRSKERSLLHGDFHAFSAGPGLFS
YIRHWDQNERFLVVLNFGDVGLSAGLQASDLPASASLPAKADLLLSTQPGREEGSPLELERLKLEPHEGLLLRFPYAA
;
A
2 'polypeptide(L)'
;MDYKDDDDKVRKPVVSTISKGGYLQGNVNGRLPSLGNKEPPGQEKVQLKRKVTLLRGVSIIIGTIIGAGIFISPKGVLQN
TGSVGMSLTIWTVCGVLSLFGALSYAELGTTIKKSGGHYTYILEVFGPLPAFVRVWVELLIIRPAATAVISLAFGRYILE
PFFIQCEIPELAIKLITAVGITVVMVLNSMSVSWSARIQIFLTFCKLTAILIIIVPGVMQLIKGQTQNFKDAFSGRDSSI
TRLPLAFYYGMYAYAGWFYLNFVTEEVENPEKTIPLAICISMAIVTIGYVLTNVAYFTTINAEELLLSNAVAVTFSERLL
GNFSLAVPIFVALSCFGSMNGGVFAVSRLFYVASREGHLPEILSMIHVRKHTPLPAVIVLHPLTMIMLFSGDLDSLLNFL
SFARWLFIGLAVAGLIYLRYKCPDMHRPFKVPLFIPALFSFTCLFMVALSLYSDPFSTGIGFVITLTGVPAYYLFIIWDK
KPRWFRIMSEKITRTLQIILEVVPEEDKL
;
B
#
# COMPACT_ATOMS: atom_id res chain seq x y z
N GLU A 175 -9.94 -26.63 16.11
CA GLU A 175 -11.30 -26.41 16.55
C GLU A 175 -11.51 -26.95 17.96
N GLU A 176 -11.66 -28.27 18.05
CA GLU A 176 -11.85 -28.93 19.35
C GLU A 176 -10.55 -29.15 20.09
N LEU A 177 -9.41 -28.82 19.49
CA LEU A 177 -8.11 -29.15 20.05
C LEU A 177 -7.56 -28.07 20.97
N LEU A 178 -8.21 -26.93 21.09
CA LEU A 178 -7.75 -25.87 21.99
C LEU A 178 -8.50 -25.94 23.34
N LYS A 179 -8.40 -27.11 23.97
CA LYS A 179 -8.97 -27.30 25.30
C LYS A 179 -8.08 -26.76 26.40
N VAL A 180 -6.77 -26.67 26.16
CA VAL A 180 -5.86 -26.21 27.20
C VAL A 180 -5.86 -24.69 27.32
N ALA A 181 -6.40 -23.99 26.32
CA ALA A 181 -6.52 -22.54 26.41
C ALA A 181 -7.50 -22.14 27.50
N GLY A 182 -8.59 -22.90 27.64
CA GLY A 182 -9.54 -22.63 28.70
C GLY A 182 -9.14 -23.29 30.00
N SER A 183 -7.92 -23.02 30.43
CA SER A 183 -7.36 -23.57 31.66
C SER A 183 -6.76 -22.45 32.50
N PRO A 184 -6.79 -22.58 33.82
CA PRO A 184 -6.18 -21.55 34.67
C PRO A 184 -4.69 -21.41 34.40
N GLY A 185 -4.20 -20.19 34.53
CA GLY A 185 -2.82 -19.87 34.25
C GLY A 185 -2.56 -19.47 32.82
N TRP A 186 -3.10 -20.22 31.85
CA TRP A 186 -2.95 -19.83 30.45
C TRP A 186 -3.62 -18.49 30.19
N VAL A 187 -4.82 -18.29 30.72
CA VAL A 187 -5.48 -17.00 30.60
C VAL A 187 -4.69 -15.92 31.36
N ARG A 188 -3.99 -16.32 32.42
CA ARG A 188 -3.15 -15.37 33.14
C ARG A 188 -2.06 -14.82 32.23
N THR A 189 -1.46 -15.69 31.40
CA THR A 189 -0.45 -15.23 30.45
C THR A 189 -1.05 -14.25 29.45
N ARG A 190 -2.26 -14.55 28.96
CA ARG A 190 -2.92 -13.64 28.04
C ARG A 190 -3.22 -12.31 28.71
N TRP A 191 -3.70 -12.35 29.97
CA TRP A 191 -3.95 -11.11 30.71
C TRP A 191 -2.67 -10.30 30.82
N ALA A 192 -1.56 -10.94 31.18
CA ALA A 192 -0.30 -10.23 31.33
C ALA A 192 0.15 -9.63 30.01
N LEU A 193 0.07 -10.39 28.92
CA LEU A 193 0.54 -9.89 27.63
C LEU A 193 -0.29 -8.70 27.17
N LEU A 194 -1.62 -8.81 27.25
CA LEU A 194 -2.47 -7.70 26.85
C LEU A 194 -2.28 -6.49 27.75
N LEU A 195 -2.10 -6.71 29.06
CA LEU A 195 -1.88 -5.59 29.96
C LEU A 195 -0.58 -4.87 29.66
N LEU A 196 0.50 -5.62 29.38
CA LEU A 196 1.75 -4.98 29.00
C LEU A 196 1.62 -4.22 27.68
N PHE A 197 0.91 -4.80 26.71
CA PHE A 197 0.71 -4.11 25.44
C PHE A 197 -0.05 -2.80 25.64
N TRP A 198 -1.13 -2.85 26.42
CA TRP A 198 -1.92 -1.63 26.64
C TRP A 198 -1.12 -0.61 27.44
N LEU A 199 -0.35 -1.06 28.43
CA LEU A 199 0.48 -0.13 29.19
C LEU A 199 1.49 0.54 28.28
N GLY A 200 2.13 -0.22 27.39
CA GLY A 200 3.04 0.39 26.44
C GLY A 200 2.36 1.38 25.53
N TRP A 201 1.15 1.04 25.06
CA TRP A 201 0.44 1.95 24.15
C TRP A 201 0.06 3.25 24.86
N LEU A 202 -0.48 3.16 26.07
CA LEU A 202 -0.81 4.37 26.81
C LEU A 202 0.43 5.17 27.15
N GLY A 203 1.54 4.50 27.49
CA GLY A 203 2.76 5.22 27.79
C GLY A 203 3.30 5.97 26.59
N MET A 204 3.29 5.33 25.42
CA MET A 204 3.79 5.99 24.23
C MET A 204 2.85 7.10 23.75
N LEU A 205 1.54 6.92 23.92
CA LEU A 205 0.61 8.00 23.63
C LEU A 205 0.86 9.19 24.57
N ALA A 206 1.11 8.91 25.84
CA ALA A 206 1.43 9.99 26.78
C ALA A 206 2.74 10.67 26.40
N GLY A 207 3.71 9.90 25.90
CA GLY A 207 4.92 10.51 25.40
C GLY A 207 4.66 11.44 24.23
N ALA A 208 3.81 11.01 23.30
CA ALA A 208 3.44 11.89 22.19
C ALA A 208 2.76 13.15 22.70
N VAL A 209 1.87 13.01 23.68
CA VAL A 209 1.14 14.15 24.21
C VAL A 209 2.09 15.13 24.88
N VAL A 210 3.05 14.62 25.67
CA VAL A 210 3.96 15.52 26.36
C VAL A 210 4.93 16.17 25.38
N ILE A 211 5.29 15.46 24.29
CA ILE A 211 6.09 16.08 23.25
C ILE A 211 5.32 17.23 22.61
N ILE A 212 4.04 17.01 22.29
CA ILE A 212 3.24 18.05 21.66
C ILE A 212 3.07 19.24 22.61
N VAL A 213 2.72 18.98 23.86
CA VAL A 213 2.44 20.04 24.81
C VAL A 213 3.70 20.85 25.09
N ARG A 214 4.82 20.15 25.35
CA ARG A 214 6.07 20.85 25.60
C ARG A 214 6.66 21.47 24.35
N ALA A 215 6.12 21.15 23.16
CA ALA A 215 6.61 21.75 21.93
C ALA A 215 6.22 23.23 21.88
N PRO A 216 6.98 24.04 21.14
CA PRO A 216 6.66 25.47 21.04
C PRO A 216 5.27 25.71 20.48
N ARG A 217 4.68 26.84 20.88
CA ARG A 217 3.27 27.14 20.67
C ARG A 217 3.04 28.14 19.54
N CYS A 218 3.83 28.07 18.46
CA CYS A 218 3.48 28.67 17.18
C CYS A 218 3.26 30.19 17.31
N ARG A 219 4.37 30.90 17.52
CA ARG A 219 4.37 32.36 17.60
C ARG A 219 3.36 32.95 16.62
N GLU A 220 2.47 33.80 17.15
CA GLU A 220 1.23 34.15 16.47
C GLU A 220 1.51 35.13 15.34
N LEU A 221 1.73 34.59 14.15
CA LEU A 221 1.83 35.37 12.93
C LEU A 221 2.94 36.41 12.99
N THR B 53 -25.53 -4.43 -13.51
CA THR B 53 -24.68 -4.52 -14.69
C THR B 53 -23.20 -4.38 -14.31
N LEU B 54 -22.47 -3.57 -15.08
CA LEU B 54 -21.05 -3.34 -14.83
C LEU B 54 -20.79 -2.12 -13.98
N LEU B 55 -21.82 -1.35 -13.62
CA LEU B 55 -21.61 -0.17 -12.80
C LEU B 55 -21.03 -0.53 -11.45
N ARG B 56 -21.53 -1.60 -10.83
CA ARG B 56 -21.04 -2.00 -9.51
C ARG B 56 -19.56 -2.35 -9.57
N GLY B 57 -19.14 -3.07 -10.59
CA GLY B 57 -17.73 -3.39 -10.74
C GLY B 57 -16.88 -2.15 -10.95
N VAL B 58 -17.38 -1.22 -11.77
CA VAL B 58 -16.66 0.04 -11.95
C VAL B 58 -16.53 0.78 -10.63
N SER B 59 -17.61 0.79 -9.83
CA SER B 59 -17.55 1.44 -8.53
C SER B 59 -16.53 0.77 -7.62
N ILE B 60 -16.47 -0.56 -7.63
CA ILE B 60 -15.49 -1.27 -6.81
C ILE B 60 -14.08 -0.91 -7.24
N ILE B 61 -13.83 -0.89 -8.55
CA ILE B 61 -12.49 -0.55 -9.03
C ILE B 61 -12.13 0.87 -8.64
N ILE B 62 -13.07 1.81 -8.78
CA ILE B 62 -12.80 3.19 -8.41
C ILE B 62 -12.46 3.29 -6.93
N GLY B 63 -13.25 2.62 -6.08
CA GLY B 63 -13.04 2.68 -4.65
C GLY B 63 -11.83 1.92 -4.17
N THR B 64 -11.25 1.06 -5.00
CA THR B 64 -10.07 0.31 -4.61
C THR B 64 -8.76 0.88 -5.12
N ILE B 65 -8.80 1.88 -6.01
CA ILE B 65 -7.57 2.37 -6.63
C ILE B 65 -7.32 3.85 -6.35
N ILE B 66 -8.21 4.51 -5.61
CA ILE B 66 -8.02 5.92 -5.31
C ILE B 66 -6.98 6.09 -4.20
N GLY B 67 -7.27 5.54 -3.02
CA GLY B 67 -6.35 5.58 -1.90
C GLY B 67 -5.95 6.98 -1.48
N ALA B 68 -5.00 7.02 -0.55
CA ALA B 68 -4.43 8.27 -0.07
C ALA B 68 -3.15 8.64 -0.79
N GLY B 69 -2.76 7.87 -1.81
CA GLY B 69 -1.52 8.14 -2.50
C GLY B 69 -1.48 9.46 -3.23
N ILE B 70 -2.65 10.01 -3.57
CA ILE B 70 -2.69 11.29 -4.26
C ILE B 70 -2.24 12.43 -3.34
N PHE B 71 -2.25 12.22 -2.03
CA PHE B 71 -1.80 13.22 -1.09
C PHE B 71 -0.34 13.05 -0.69
N ILE B 72 0.33 12.03 -1.20
CA ILE B 72 1.74 11.78 -0.90
C ILE B 72 2.61 12.00 -2.13
N SER B 73 2.13 11.55 -3.29
CA SER B 73 2.94 11.58 -4.52
C SER B 73 3.35 12.98 -4.96
N PRO B 74 2.47 14.00 -5.02
CA PRO B 74 2.86 15.23 -5.74
C PRO B 74 4.11 15.89 -5.22
N LYS B 75 4.33 15.86 -3.90
CA LYS B 75 5.54 16.46 -3.34
C LYS B 75 6.79 15.80 -3.94
N GLY B 76 6.86 14.47 -3.90
CA GLY B 76 8.02 13.79 -4.45
C GLY B 76 8.12 13.94 -5.95
N VAL B 77 6.99 13.89 -6.65
CA VAL B 77 7.00 14.04 -8.11
C VAL B 77 7.63 15.38 -8.49
N LEU B 78 7.17 16.46 -7.86
CA LEU B 78 7.77 17.76 -8.13
C LEU B 78 9.23 17.78 -7.72
N GLN B 79 9.55 17.18 -6.57
CA GLN B 79 10.92 17.22 -6.05
C GLN B 79 11.90 16.63 -7.04
N ASN B 80 11.58 15.47 -7.62
CA ASN B 80 12.50 14.82 -8.55
C ASN B 80 12.18 15.12 -10.02
N THR B 81 11.22 16.00 -10.30
CA THR B 81 10.97 16.42 -11.67
C THR B 81 11.44 17.84 -11.96
N GLY B 82 11.13 18.80 -11.09
CA GLY B 82 11.61 20.16 -11.30
C GLY B 82 10.93 20.92 -12.42
N SER B 83 9.77 20.48 -12.86
CA SER B 83 9.06 21.15 -13.95
C SER B 83 7.60 20.72 -13.92
N VAL B 84 6.70 21.70 -13.96
CA VAL B 84 5.27 21.41 -13.82
C VAL B 84 4.77 20.60 -15.01
N GLY B 85 5.13 21.02 -16.23
CA GLY B 85 4.68 20.29 -17.41
C GLY B 85 5.22 18.87 -17.47
N MET B 86 6.50 18.70 -17.12
CA MET B 86 7.08 17.37 -17.11
C MET B 86 6.44 16.51 -16.03
N SER B 87 6.09 17.12 -14.89
CA SER B 87 5.37 16.39 -13.85
C SER B 87 4.01 15.92 -14.33
N LEU B 88 3.28 16.79 -15.02
CA LEU B 88 1.97 16.39 -15.55
C LEU B 88 2.12 15.28 -16.58
N THR B 89 3.16 15.36 -17.41
CA THR B 89 3.45 14.27 -18.34
C THR B 89 3.73 12.98 -17.57
N ILE B 90 4.43 13.08 -16.44
CA ILE B 90 4.71 11.91 -15.63
C ILE B 90 3.41 11.30 -15.09
N TRP B 91 2.50 12.15 -14.62
CA TRP B 91 1.18 11.65 -14.19
C TRP B 91 0.48 10.93 -15.33
N THR B 92 0.46 11.52 -16.52
CA THR B 92 -0.26 10.92 -17.62
C THR B 92 0.36 9.58 -18.01
N VAL B 93 1.69 9.51 -18.09
CA VAL B 93 2.33 8.27 -18.51
C VAL B 93 2.18 7.20 -17.43
N CYS B 94 2.22 7.59 -16.16
CA CYS B 94 1.98 6.63 -15.09
C CYS B 94 0.56 6.08 -15.16
N GLY B 95 -0.42 6.95 -15.45
CA GLY B 95 -1.78 6.47 -15.64
C GLY B 95 -1.90 5.51 -16.80
N VAL B 96 -1.24 5.82 -17.91
CA VAL B 96 -1.28 4.93 -19.07
C VAL B 96 -0.66 3.58 -18.74
N LEU B 97 0.50 3.59 -18.07
CA LEU B 97 1.14 2.34 -17.69
C LEU B 97 0.28 1.55 -16.71
N SER B 98 -0.40 2.24 -15.80
CA SER B 98 -1.30 1.57 -14.88
C SER B 98 -2.45 0.91 -15.63
N LEU B 99 -3.00 1.60 -16.63
CA LEU B 99 -4.06 1.00 -17.44
C LEU B 99 -3.55 -0.24 -18.16
N PHE B 100 -2.34 -0.15 -18.73
CA PHE B 100 -1.77 -1.30 -19.42
C PHE B 100 -1.58 -2.49 -18.48
N GLY B 101 -1.04 -2.23 -17.29
CA GLY B 101 -0.84 -3.30 -16.33
C GLY B 101 -2.16 -3.88 -15.86
N ALA B 102 -3.17 -3.02 -15.66
CA ALA B 102 -4.47 -3.52 -15.22
C ALA B 102 -5.07 -4.43 -16.27
N LEU B 103 -4.92 -4.07 -17.55
CA LEU B 103 -5.37 -4.96 -18.62
C LEU B 103 -4.60 -6.27 -18.59
N SER B 104 -3.29 -6.20 -18.35
CA SER B 104 -2.49 -7.42 -18.27
C SER B 104 -2.96 -8.32 -17.14
N TYR B 105 -3.23 -7.74 -15.96
CA TYR B 105 -3.71 -8.55 -14.84
C TYR B 105 -5.12 -9.07 -15.07
N ALA B 106 -5.96 -8.33 -15.79
CA ALA B 106 -7.26 -8.86 -16.16
C ALA B 106 -7.11 -10.09 -17.05
N GLU B 107 -6.20 -10.02 -18.02
CA GLU B 107 -5.93 -11.18 -18.86
C GLU B 107 -5.39 -12.34 -18.03
N LEU B 108 -4.49 -12.06 -17.10
CA LEU B 108 -3.93 -13.09 -16.24
C LEU B 108 -5.02 -13.76 -15.40
N GLY B 109 -5.90 -12.96 -14.81
CA GLY B 109 -6.96 -13.53 -13.99
C GLY B 109 -7.95 -14.34 -14.81
N THR B 110 -8.23 -13.90 -16.03
CA THR B 110 -9.17 -14.66 -16.87
C THR B 110 -8.54 -15.93 -17.40
N THR B 111 -7.22 -15.94 -17.65
CA THR B 111 -6.57 -17.06 -18.30
C THR B 111 -6.15 -18.17 -17.34
N ILE B 112 -6.21 -17.94 -16.04
CA ILE B 112 -5.78 -18.92 -15.04
C ILE B 112 -6.99 -19.52 -14.30
N LYS B 113 -7.93 -18.67 -13.89
CA LYS B 113 -9.16 -19.07 -13.22
C LYS B 113 -8.91 -19.81 -11.91
N LYS B 114 -7.71 -19.70 -11.35
CA LYS B 114 -7.36 -20.32 -10.08
C LYS B 114 -7.22 -19.24 -9.03
N SER B 115 -7.85 -19.44 -7.88
CA SER B 115 -7.81 -18.46 -6.81
C SER B 115 -6.40 -18.35 -6.24
N GLY B 116 -6.10 -17.19 -5.66
CA GLY B 116 -4.80 -16.96 -5.07
C GLY B 116 -4.27 -15.57 -5.29
N GLY B 117 -4.76 -14.89 -6.32
CA GLY B 117 -4.32 -13.53 -6.58
C GLY B 117 -2.91 -13.51 -7.12
N HIS B 118 -2.10 -12.60 -6.58
CA HIS B 118 -0.77 -12.33 -7.13
C HIS B 118 0.13 -13.57 -7.04
N TYR B 119 -0.14 -14.45 -6.07
CA TYR B 119 0.64 -15.68 -5.94
C TYR B 119 0.50 -16.57 -7.17
N THR B 120 -0.74 -16.82 -7.61
CA THR B 120 -0.97 -17.84 -8.62
C THR B 120 -0.30 -17.48 -9.94
N TYR B 121 -0.36 -16.21 -10.33
CA TYR B 121 0.22 -15.80 -11.61
C TYR B 121 1.71 -16.08 -11.66
N ILE B 122 2.44 -15.67 -10.62
CA ILE B 122 3.89 -15.86 -10.62
C ILE B 122 4.24 -17.33 -10.46
N LEU B 123 3.52 -18.04 -9.60
CA LEU B 123 3.83 -19.45 -9.37
C LEU B 123 3.62 -20.28 -10.63
N GLU B 124 2.54 -20.02 -11.36
CA GLU B 124 2.19 -20.90 -12.47
C GLU B 124 3.19 -20.78 -13.62
N VAL B 125 3.51 -19.55 -14.03
CA VAL B 125 4.32 -19.37 -15.24
C VAL B 125 5.78 -19.71 -14.97
N PHE B 126 6.31 -19.26 -13.83
CA PHE B 126 7.76 -19.37 -13.58
C PHE B 126 8.12 -20.64 -12.80
N GLY B 127 7.56 -20.80 -11.61
CA GLY B 127 7.87 -21.94 -10.80
C GLY B 127 7.72 -21.65 -9.31
N PRO B 128 8.25 -22.54 -8.47
CA PRO B 128 8.10 -22.32 -7.03
C PRO B 128 8.99 -21.22 -6.48
N LEU B 129 10.25 -21.16 -6.91
CA LEU B 129 11.19 -20.21 -6.32
C LEU B 129 10.77 -18.76 -6.50
N PRO B 130 10.39 -18.29 -7.70
CA PRO B 130 9.93 -16.90 -7.79
C PRO B 130 8.73 -16.60 -6.92
N ALA B 131 7.81 -17.56 -6.78
CA ALA B 131 6.66 -17.35 -5.91
C ALA B 131 7.08 -17.22 -4.44
N PHE B 132 8.00 -18.07 -4.01
CA PHE B 132 8.49 -17.97 -2.64
C PHE B 132 9.17 -16.63 -2.39
N VAL B 133 9.99 -16.19 -3.34
CA VAL B 133 10.67 -14.90 -3.17
C VAL B 133 9.65 -13.76 -3.20
N ARG B 134 8.59 -13.91 -4.00
CA ARG B 134 7.55 -12.89 -4.05
C ARG B 134 6.86 -12.76 -2.70
N VAL B 135 6.49 -13.88 -2.09
CA VAL B 135 5.86 -13.80 -0.76
C VAL B 135 6.85 -13.26 0.26
N TRP B 136 8.11 -13.68 0.16
CA TRP B 136 9.13 -13.19 1.08
C TRP B 136 9.23 -11.67 1.02
N VAL B 137 9.34 -11.11 -0.18
CA VAL B 137 9.48 -9.67 -0.29
C VAL B 137 8.18 -8.97 0.10
N GLU B 138 7.02 -9.55 -0.23
CA GLU B 138 5.77 -8.92 0.15
C GLU B 138 5.63 -8.85 1.66
N LEU B 139 6.07 -9.89 2.37
CA LEU B 139 5.96 -9.89 3.82
C LEU B 139 7.01 -9.01 4.48
N LEU B 140 8.22 -8.93 3.91
CA LEU B 140 9.31 -8.26 4.59
C LEU B 140 9.55 -6.82 4.16
N ILE B 141 9.06 -6.41 2.98
CA ILE B 141 9.36 -5.10 2.44
C ILE B 141 8.09 -4.36 2.05
N ILE B 142 7.28 -5.00 1.19
CA ILE B 142 6.23 -4.28 0.48
C ILE B 142 5.14 -3.82 1.44
N ARG B 143 4.47 -4.76 2.09
CA ARG B 143 3.36 -4.38 2.97
C ARG B 143 3.81 -3.51 4.15
N PRO B 144 4.84 -3.86 4.92
CA PRO B 144 5.22 -2.98 6.04
C PRO B 144 5.60 -1.58 5.61
N ALA B 145 6.33 -1.43 4.50
CA ALA B 145 6.77 -0.10 4.10
C ALA B 145 5.61 0.73 3.56
N ALA B 146 4.72 0.12 2.79
CA ALA B 146 3.54 0.85 2.30
C ALA B 146 2.66 1.29 3.46
N THR B 147 2.45 0.39 4.43
CA THR B 147 1.68 0.75 5.61
C THR B 147 2.36 1.88 6.38
N ALA B 148 3.68 1.81 6.52
CA ALA B 148 4.41 2.86 7.22
C ALA B 148 4.28 4.19 6.51
N VAL B 149 4.35 4.20 5.18
CA VAL B 149 4.25 5.45 4.43
C VAL B 149 2.87 6.05 4.60
N ILE B 150 1.82 5.24 4.41
CA ILE B 150 0.46 5.73 4.57
C ILE B 150 0.25 6.25 5.99
N SER B 151 0.82 5.56 6.97
CA SER B 151 0.65 5.95 8.35
C SER B 151 1.39 7.24 8.68
N LEU B 152 2.59 7.43 8.12
CA LEU B 152 3.28 8.70 8.30
C LEU B 152 2.46 9.85 7.73
N ALA B 153 1.88 9.64 6.54
CA ALA B 153 1.04 10.68 5.97
C ALA B 153 -0.17 10.97 6.87
N PHE B 154 -0.79 9.91 7.38
CA PHE B 154 -1.95 10.09 8.25
C PHE B 154 -1.58 10.84 9.52
N GLY B 155 -0.42 10.51 10.10
CA GLY B 155 0.02 11.21 11.30
C GLY B 155 0.31 12.68 11.05
N ARG B 156 0.98 12.99 9.94
CA ARG B 156 1.24 14.38 9.62
C ARG B 156 -0.06 15.15 9.42
N TYR B 157 -1.01 14.55 8.70
CA TYR B 157 -2.28 15.23 8.44
C TYR B 157 -3.10 15.40 9.72
N ILE B 158 -3.04 14.43 10.65
CA ILE B 158 -3.79 14.57 11.87
C ILE B 158 -3.13 15.52 12.85
N LEU B 159 -1.82 15.71 12.77
CA LEU B 159 -1.14 16.67 13.63
C LEU B 159 -1.10 18.07 13.05
N GLU B 160 -1.38 18.23 11.76
CA GLU B 160 -1.41 19.56 11.18
C GLU B 160 -2.40 20.53 11.82
N PRO B 161 -3.63 20.13 12.17
CA PRO B 161 -4.54 21.10 12.81
C PRO B 161 -3.99 21.73 14.08
N PHE B 162 -3.24 20.96 14.87
CA PHE B 162 -2.67 21.51 16.10
C PHE B 162 -1.46 22.38 15.83
N PHE B 163 -0.67 22.07 14.80
CA PHE B 163 0.46 22.89 14.39
C PHE B 163 0.05 23.63 13.12
N ILE B 164 -0.59 24.79 13.30
CA ILE B 164 -1.23 25.47 12.19
C ILE B 164 -0.19 26.00 11.20
N GLN B 165 0.86 26.65 11.70
CA GLN B 165 1.87 27.26 10.85
C GLN B 165 3.26 26.97 11.40
N CYS B 166 3.50 25.73 11.80
CA CYS B 166 4.75 25.36 12.45
C CYS B 166 5.27 24.08 11.84
N GLU B 167 6.29 23.52 12.49
CA GLU B 167 6.87 22.24 12.12
C GLU B 167 6.55 21.23 13.22
N ILE B 168 6.10 20.05 12.83
CA ILE B 168 5.80 19.00 13.81
C ILE B 168 7.11 18.35 14.22
N PRO B 169 7.41 18.26 15.53
CA PRO B 169 8.76 17.85 15.95
C PRO B 169 9.08 16.39 15.66
N GLU B 170 9.08 16.02 14.38
CA GLU B 170 9.44 14.70 13.85
C GLU B 170 9.05 13.52 14.73
N LEU B 171 9.50 13.52 15.99
CA LEU B 171 9.27 12.37 16.86
C LEU B 171 7.79 12.18 17.14
N ALA B 172 7.06 13.29 17.33
CA ALA B 172 5.62 13.21 17.53
C ALA B 172 4.92 12.62 16.32
N ILE B 173 5.43 12.89 15.11
CA ILE B 173 4.89 12.26 13.92
C ILE B 173 4.96 10.74 14.07
N LYS B 174 6.12 10.24 14.45
CA LYS B 174 6.29 8.79 14.59
C LYS B 174 5.40 8.22 15.69
N LEU B 175 5.28 8.93 16.81
CA LEU B 175 4.46 8.42 17.90
C LEU B 175 2.97 8.38 17.54
N ILE B 176 2.45 9.46 16.98
CA ILE B 176 1.03 9.46 16.60
C ILE B 176 0.79 8.47 15.47
N THR B 177 1.74 8.34 14.56
CA THR B 177 1.67 7.34 13.50
C THR B 177 1.57 5.94 14.08
N ALA B 178 2.42 5.63 15.05
CA ALA B 178 2.43 4.31 15.66
C ALA B 178 1.14 4.06 16.45
N VAL B 179 0.62 5.09 17.10
CA VAL B 179 -0.65 4.95 17.82
C VAL B 179 -1.77 4.65 16.84
N GLY B 180 -1.79 5.35 15.70
CA GLY B 180 -2.78 5.06 14.67
C GLY B 180 -2.66 3.64 14.15
N ILE B 181 -1.43 3.18 13.91
CA ILE B 181 -1.23 1.81 13.48
C ILE B 181 -1.77 0.83 14.52
N THR B 182 -1.45 1.06 15.80
CA THR B 182 -1.90 0.14 16.83
C THR B 182 -3.42 0.08 16.90
N VAL B 183 -4.08 1.25 16.84
CA VAL B 183 -5.53 1.24 16.95
C VAL B 183 -6.16 0.60 15.72
N VAL B 184 -5.59 0.83 14.53
CA VAL B 184 -6.12 0.18 13.33
C VAL B 184 -5.96 -1.33 13.42
N MET B 185 -4.80 -1.79 13.88
CA MET B 185 -4.55 -3.22 13.91
C MET B 185 -5.43 -3.90 14.96
N VAL B 186 -5.64 -3.26 16.10
CA VAL B 186 -6.54 -3.86 17.09
C VAL B 186 -7.98 -3.82 16.62
N LEU B 187 -8.37 -2.77 15.88
CA LEU B 187 -9.71 -2.74 15.31
C LEU B 187 -9.92 -3.85 14.30
N ASN B 188 -8.91 -4.09 13.46
CA ASN B 188 -8.97 -5.23 12.54
C ASN B 188 -9.03 -6.55 13.30
N SER B 189 -8.30 -6.65 14.40
CA SER B 189 -8.34 -7.82 15.25
C SER B 189 -9.53 -7.83 16.21
N MET B 190 -10.28 -6.73 16.29
CA MET B 190 -11.46 -6.70 17.15
C MET B 190 -12.63 -7.44 16.51
N SER B 191 -13.08 -6.95 15.35
CA SER B 191 -14.18 -7.60 14.64
C SER B 191 -14.01 -7.33 13.15
N VAL B 192 -14.67 -8.16 12.35
CA VAL B 192 -14.64 -8.00 10.90
C VAL B 192 -15.94 -7.38 10.44
N SER B 193 -17.03 -7.64 11.18
CA SER B 193 -18.31 -7.03 10.84
C SER B 193 -18.27 -5.52 11.04
N TRP B 194 -17.79 -5.07 12.21
CA TRP B 194 -17.66 -3.65 12.46
C TRP B 194 -16.48 -3.04 11.71
N SER B 195 -15.54 -3.85 11.23
CA SER B 195 -14.49 -3.32 10.37
C SER B 195 -14.96 -3.15 8.93
N ALA B 196 -16.10 -3.72 8.58
CA ALA B 196 -16.70 -3.51 7.26
C ALA B 196 -17.83 -2.49 7.28
N ARG B 197 -18.60 -2.42 8.37
CA ARG B 197 -19.62 -1.39 8.50
C ARG B 197 -19.02 0.01 8.51
N ILE B 198 -17.73 0.12 8.85
CA ILE B 198 -17.03 1.41 8.82
C ILE B 198 -16.26 1.60 7.53
N GLN B 199 -15.99 0.53 6.78
CA GLN B 199 -15.28 0.66 5.51
C GLN B 199 -16.08 1.49 4.51
N ILE B 200 -17.40 1.36 4.52
CA ILE B 200 -18.23 2.17 3.62
C ILE B 200 -18.10 3.64 3.95
N PHE B 201 -18.10 3.98 5.24
CA PHE B 201 -17.91 5.38 5.64
C PHE B 201 -16.55 5.90 5.22
N LEU B 202 -15.52 5.07 5.38
CA LEU B 202 -14.19 5.51 4.96
C LEU B 202 -14.11 5.71 3.46
N THR B 203 -14.76 4.85 2.68
CA THR B 203 -14.78 5.04 1.23
C THR B 203 -15.53 6.31 0.86
N PHE B 204 -16.65 6.59 1.54
CA PHE B 204 -17.37 7.83 1.29
C PHE B 204 -16.52 9.04 1.61
N CYS B 205 -15.76 8.98 2.70
CA CYS B 205 -14.84 10.07 3.02
C CYS B 205 -13.75 10.21 1.95
N LYS B 206 -13.28 9.07 1.43
CA LYS B 206 -12.30 9.11 0.34
C LYS B 206 -12.87 9.82 -0.87
N LEU B 207 -14.12 9.54 -1.22
CA LEU B 207 -14.77 10.25 -2.31
C LEU B 207 -14.93 11.73 -1.97
N THR B 208 -15.26 12.03 -0.70
CA THR B 208 -15.41 13.42 -0.30
C THR B 208 -14.10 14.18 -0.39
N ALA B 209 -12.99 13.52 -0.05
CA ALA B 209 -11.71 14.22 0.03
C ALA B 209 -11.28 14.75 -1.34
N ILE B 210 -11.48 13.97 -2.40
CA ILE B 210 -11.02 14.40 -3.72
C ILE B 210 -11.84 15.60 -4.20
N LEU B 211 -13.13 15.65 -3.87
CA LEU B 211 -13.95 16.79 -4.29
C LEU B 211 -13.49 18.08 -3.62
N ILE B 212 -13.04 18.01 -2.37
CA ILE B 212 -12.57 19.18 -1.65
C ILE B 212 -11.37 19.82 -2.34
N ILE B 213 -10.61 19.03 -3.08
CA ILE B 213 -9.50 19.59 -3.86
C ILE B 213 -9.91 19.89 -5.29
N ILE B 214 -10.89 19.18 -5.83
CA ILE B 214 -11.27 19.34 -7.22
C ILE B 214 -12.09 20.62 -7.42
N VAL B 215 -13.17 20.79 -6.64
CA VAL B 215 -14.08 21.89 -6.88
C VAL B 215 -13.41 23.26 -6.69
N PRO B 216 -12.71 23.53 -5.59
CA PRO B 216 -12.01 24.82 -5.50
C PRO B 216 -10.96 25.00 -6.58
N GLY B 217 -10.32 23.92 -7.01
CA GLY B 217 -9.42 24.01 -8.15
C GLY B 217 -10.16 24.42 -9.41
N VAL B 218 -11.38 23.92 -9.58
CA VAL B 218 -12.20 24.35 -10.71
C VAL B 218 -12.49 25.85 -10.61
N MET B 219 -12.83 26.32 -9.40
CA MET B 219 -13.12 27.75 -9.24
C MET B 219 -11.90 28.60 -9.56
N GLN B 220 -10.72 28.17 -9.11
CA GLN B 220 -9.50 28.91 -9.43
C GLN B 220 -9.18 28.88 -10.91
N LEU B 221 -9.38 27.73 -11.56
CA LEU B 221 -9.09 27.63 -12.99
C LEU B 221 -10.01 28.51 -13.80
N ILE B 222 -11.31 28.51 -13.49
CA ILE B 222 -12.25 29.32 -14.24
C ILE B 222 -11.96 30.80 -14.06
N LYS B 223 -11.52 31.19 -12.86
CA LYS B 223 -11.09 32.57 -12.65
C LYS B 223 -9.69 32.84 -13.19
N GLY B 224 -8.96 31.79 -13.59
CA GLY B 224 -7.72 31.95 -14.33
C GLY B 224 -6.55 32.58 -13.61
N GLN B 225 -6.29 32.17 -12.36
CA GLN B 225 -5.06 32.56 -11.68
C GLN B 225 -4.01 31.46 -11.89
N THR B 226 -3.57 31.35 -13.15
CA THR B 226 -2.55 30.38 -13.55
C THR B 226 -1.39 31.17 -14.16
N GLN B 227 -0.48 31.61 -13.29
CA GLN B 227 0.72 32.32 -13.73
C GLN B 227 1.96 31.43 -13.73
N ASN B 228 1.86 30.22 -13.20
CA ASN B 228 2.97 29.28 -13.18
C ASN B 228 3.02 28.38 -14.41
N PHE B 229 2.05 28.51 -15.33
CA PHE B 229 2.00 27.70 -16.53
C PHE B 229 2.54 28.42 -17.75
N LYS B 230 3.17 29.58 -17.57
CA LYS B 230 3.74 30.31 -18.71
C LYS B 230 4.84 29.49 -19.36
N ASP B 231 5.72 28.89 -18.56
CA ASP B 231 6.77 28.02 -19.05
C ASP B 231 6.67 26.71 -18.27
N ALA B 232 5.83 25.81 -18.78
CA ALA B 232 5.49 24.60 -18.01
C ALA B 232 6.64 23.60 -18.01
N PHE B 233 7.42 23.54 -19.09
CA PHE B 233 8.43 22.50 -19.25
C PHE B 233 9.84 23.01 -18.97
N SER B 234 9.98 24.09 -18.20
CA SER B 234 11.28 24.63 -17.86
C SER B 234 11.36 24.91 -16.38
N GLY B 235 12.58 24.87 -15.85
CA GLY B 235 12.81 25.09 -14.43
C GLY B 235 14.11 24.48 -13.95
N ARG B 236 14.06 23.75 -12.85
CA ARG B 236 15.24 23.07 -12.35
C ARG B 236 15.67 21.96 -13.30
N ASP B 237 16.97 21.68 -13.31
CA ASP B 237 17.50 20.65 -14.20
C ASP B 237 16.86 19.30 -13.90
N SER B 238 17.07 18.77 -12.70
CA SER B 238 16.50 17.49 -12.28
C SER B 238 16.80 16.40 -13.31
N SER B 239 18.09 16.09 -13.40
CA SER B 239 18.61 15.21 -14.44
C SER B 239 17.90 13.86 -14.43
N ILE B 240 18.14 13.09 -15.51
CA ILE B 240 17.40 11.86 -15.78
C ILE B 240 17.51 10.86 -14.63
N THR B 241 18.54 11.00 -13.78
CA THR B 241 18.74 10.05 -12.70
C THR B 241 17.52 9.96 -11.78
N ARG B 242 16.77 11.04 -11.64
CA ARG B 242 15.62 11.08 -10.73
C ARG B 242 14.33 10.61 -11.38
N LEU B 243 14.37 10.24 -12.66
CA LEU B 243 13.17 9.75 -13.33
C LEU B 243 12.59 8.50 -12.69
N PRO B 244 13.38 7.48 -12.29
CA PRO B 244 12.77 6.34 -11.59
C PRO B 244 12.07 6.74 -10.31
N LEU B 245 12.61 7.68 -9.54
CA LEU B 245 11.93 8.12 -8.33
C LEU B 245 10.63 8.84 -8.66
N ALA B 246 10.66 9.67 -9.71
CA ALA B 246 9.43 10.33 -10.15
C ALA B 246 8.38 9.30 -10.55
N PHE B 247 8.80 8.26 -11.25
CA PHE B 247 7.88 7.22 -11.73
C PHE B 247 7.30 6.46 -10.55
N TYR B 248 8.15 6.08 -9.60
CA TYR B 248 7.73 5.43 -8.37
C TYR B 248 6.67 6.25 -7.64
N TYR B 249 6.95 7.54 -7.45
CA TYR B 249 5.95 8.43 -6.87
C TYR B 249 4.69 8.45 -7.71
N GLY B 250 4.85 8.31 -9.03
CA GLY B 250 3.70 8.37 -9.92
C GLY B 250 2.70 7.26 -9.68
N MET B 251 3.17 6.02 -9.54
CA MET B 251 2.20 4.94 -9.39
C MET B 251 1.44 5.01 -8.07
N TYR B 252 2.10 5.41 -6.98
CA TYR B 252 1.52 5.19 -5.66
C TYR B 252 0.18 5.88 -5.49
N ALA B 253 -0.11 6.90 -6.31
CA ALA B 253 -1.47 7.43 -6.36
C ALA B 253 -2.44 6.39 -6.86
N TYR B 254 -2.05 5.62 -7.87
CA TYR B 254 -2.88 4.55 -8.41
C TYR B 254 -2.61 3.22 -7.71
N ALA B 255 -2.65 3.24 -6.38
CA ALA B 255 -2.37 2.04 -5.59
C ALA B 255 -3.68 1.31 -5.33
N GLY B 256 -3.81 0.11 -5.84
CA GLY B 256 -5.01 -0.68 -5.68
C GLY B 256 -5.47 -1.35 -6.95
N TRP B 257 -4.76 -1.08 -8.05
CA TRP B 257 -4.98 -1.86 -9.26
C TRP B 257 -4.62 -3.34 -9.08
N PHE B 258 -3.53 -3.65 -8.38
CA PHE B 258 -3.20 -5.05 -8.18
C PHE B 258 -4.06 -5.60 -7.04
N TYR B 259 -3.80 -6.84 -6.64
CA TYR B 259 -4.75 -7.64 -5.85
C TYR B 259 -6.06 -7.62 -6.62
N LEU B 260 -7.19 -7.30 -6.00
CA LEU B 260 -8.47 -7.10 -6.69
C LEU B 260 -8.82 -8.31 -7.56
N ASN B 261 -9.07 -9.41 -6.88
CA ASN B 261 -9.40 -10.66 -7.55
C ASN B 261 -10.69 -10.51 -8.34
N PHE B 262 -10.61 -10.78 -9.64
CA PHE B 262 -11.77 -10.74 -10.54
C PHE B 262 -12.03 -12.16 -11.04
N VAL B 263 -12.80 -12.92 -10.28
CA VAL B 263 -13.20 -14.25 -10.71
C VAL B 263 -14.19 -14.13 -11.86
N THR B 264 -14.02 -14.96 -12.88
CA THR B 264 -14.87 -14.85 -14.07
C THR B 264 -16.21 -15.55 -13.86
N GLU B 265 -16.86 -15.26 -12.74
CA GLU B 265 -18.22 -15.71 -12.49
C GLU B 265 -19.14 -14.63 -11.92
N GLU B 266 -18.60 -13.57 -11.30
CA GLU B 266 -19.44 -12.54 -10.72
C GLU B 266 -20.04 -11.64 -11.79
N VAL B 267 -19.36 -11.47 -12.92
CA VAL B 267 -19.80 -10.51 -13.93
C VAL B 267 -20.93 -11.12 -14.75
N GLU B 268 -21.70 -10.24 -15.39
CA GLU B 268 -22.83 -10.69 -16.20
C GLU B 268 -22.35 -11.35 -17.48
N ASN B 269 -21.68 -10.57 -18.33
CA ASN B 269 -21.09 -11.09 -19.57
C ASN B 269 -19.58 -10.86 -19.51
N PRO B 270 -18.80 -11.89 -19.18
CA PRO B 270 -17.35 -11.69 -19.04
C PRO B 270 -16.67 -11.38 -20.36
N GLU B 271 -15.34 -11.29 -20.33
CA GLU B 271 -14.45 -11.12 -21.48
C GLU B 271 -14.77 -9.86 -22.28
N LYS B 272 -15.79 -9.11 -21.86
CA LYS B 272 -16.04 -7.79 -22.40
C LYS B 272 -16.30 -6.82 -21.26
N THR B 273 -16.90 -7.34 -20.18
CA THR B 273 -17.21 -6.49 -19.03
C THR B 273 -15.95 -6.08 -18.28
N ILE B 274 -15.08 -7.06 -17.99
CA ILE B 274 -13.85 -6.75 -17.26
C ILE B 274 -12.97 -5.76 -18.00
N PRO B 275 -12.63 -5.96 -19.30
CA PRO B 275 -11.77 -4.97 -19.96
C PRO B 275 -12.42 -3.60 -20.08
N LEU B 276 -13.69 -3.55 -20.48
CA LEU B 276 -14.36 -2.26 -20.63
C LEU B 276 -14.43 -1.53 -19.29
N ALA B 277 -14.83 -2.25 -18.23
CA ALA B 277 -14.95 -1.62 -16.92
C ALA B 277 -13.60 -1.13 -16.43
N ILE B 278 -12.56 -1.95 -16.58
CA ILE B 278 -11.25 -1.54 -16.07
C ILE B 278 -10.72 -0.36 -16.87
N CYS B 279 -10.98 -0.34 -18.19
CA CYS B 279 -10.53 0.77 -19.02
C CYS B 279 -11.21 2.07 -18.62
N ILE B 280 -12.53 2.05 -18.46
CA ILE B 280 -13.24 3.27 -18.07
C ILE B 280 -12.80 3.71 -16.67
N SER B 281 -12.59 2.75 -15.77
CA SER B 281 -12.19 3.11 -14.41
C SER B 281 -10.83 3.82 -14.40
N MET B 282 -9.84 3.22 -15.07
CA MET B 282 -8.54 3.88 -15.15
C MET B 282 -8.63 5.22 -15.87
N ALA B 283 -9.45 5.30 -16.92
CA ALA B 283 -9.56 6.56 -17.65
C ALA B 283 -10.09 7.67 -16.74
N ILE B 284 -11.20 7.42 -16.06
CA ILE B 284 -11.80 8.46 -15.24
C ILE B 284 -10.93 8.77 -14.02
N VAL B 285 -10.27 7.76 -13.44
CA VAL B 285 -9.41 8.02 -12.29
C VAL B 285 -8.20 8.84 -12.72
N THR B 286 -7.64 8.55 -13.89
CA THR B 286 -6.52 9.35 -14.39
C THR B 286 -6.96 10.78 -14.68
N ILE B 287 -8.14 10.95 -15.24
CA ILE B 287 -8.65 12.31 -15.47
C ILE B 287 -8.81 13.05 -14.15
N GLY B 288 -9.38 12.37 -13.15
CA GLY B 288 -9.51 13.00 -11.84
C GLY B 288 -8.18 13.38 -11.24
N TYR B 289 -7.18 12.51 -11.36
CA TYR B 289 -5.87 12.80 -10.78
C TYR B 289 -5.17 13.94 -11.49
N VAL B 290 -5.25 13.99 -12.82
CA VAL B 290 -4.59 15.09 -13.53
C VAL B 290 -5.30 16.40 -13.24
N LEU B 291 -6.63 16.37 -13.12
CA LEU B 291 -7.36 17.57 -12.74
C LEU B 291 -6.98 18.01 -11.33
N THR B 292 -6.82 17.04 -10.40
CA THR B 292 -6.41 17.36 -9.04
C THR B 292 -5.03 18.00 -9.03
N ASN B 293 -4.12 17.49 -9.83
CA ASN B 293 -2.76 18.04 -9.85
C ASN B 293 -2.74 19.44 -10.45
N VAL B 294 -3.47 19.67 -11.55
CA VAL B 294 -3.49 21.01 -12.09
C VAL B 294 -4.20 21.96 -11.13
N ALA B 295 -5.20 21.48 -10.39
CA ALA B 295 -5.84 22.29 -9.37
C ALA B 295 -4.85 22.67 -8.28
N TYR B 296 -4.01 21.72 -7.86
CA TYR B 296 -2.95 22.03 -6.92
C TYR B 296 -2.04 23.11 -7.48
N PHE B 297 -1.69 23.02 -8.75
CA PHE B 297 -0.76 23.97 -9.34
C PHE B 297 -1.39 25.33 -9.61
N THR B 298 -2.72 25.43 -9.61
CA THR B 298 -3.36 26.73 -9.80
C THR B 298 -2.94 27.71 -8.70
N THR B 299 -2.97 27.27 -7.44
CA THR B 299 -2.65 28.14 -6.32
C THR B 299 -1.24 27.95 -5.78
N ILE B 300 -0.79 26.71 -5.65
CA ILE B 300 0.50 26.41 -5.05
C ILE B 300 1.58 26.53 -6.12
N ASN B 301 2.51 27.46 -5.93
CA ASN B 301 3.63 27.60 -6.83
C ASN B 301 4.56 26.40 -6.69
N ALA B 302 5.44 26.23 -7.68
CA ALA B 302 6.41 25.14 -7.61
C ALA B 302 7.33 25.29 -6.41
N GLU B 303 7.80 26.51 -6.15
CA GLU B 303 8.66 26.73 -4.99
C GLU B 303 7.89 26.57 -3.70
N GLU B 304 6.65 27.08 -3.64
CA GLU B 304 5.84 26.96 -2.44
C GLU B 304 5.45 25.52 -2.15
N LEU B 305 5.58 24.62 -3.14
CA LEU B 305 5.37 23.20 -2.92
C LEU B 305 6.66 22.45 -2.64
N LEU B 306 7.76 22.86 -3.26
CA LEU B 306 9.04 22.20 -3.04
C LEU B 306 9.52 22.37 -1.61
N LEU B 307 9.50 23.61 -1.10
CA LEU B 307 9.92 23.89 0.27
C LEU B 307 8.68 23.89 1.16
N SER B 308 8.10 22.70 1.30
CA SER B 308 6.90 22.50 2.09
C SER B 308 6.59 21.01 2.14
N ASN B 309 5.72 20.64 3.08
CA ASN B 309 5.23 19.27 3.22
C ASN B 309 3.74 19.33 3.53
N ALA B 310 3.07 18.20 3.34
CA ALA B 310 1.62 18.10 3.53
C ALA B 310 0.89 19.12 2.65
N VAL B 311 1.01 18.88 1.33
CA VAL B 311 0.58 19.86 0.34
C VAL B 311 -0.91 20.17 0.46
N ALA B 312 -1.70 19.24 0.98
CA ALA B 312 -3.14 19.46 1.10
C ALA B 312 -3.45 20.61 2.05
N VAL B 313 -2.79 20.63 3.22
CA VAL B 313 -3.08 21.68 4.18
C VAL B 313 -2.54 23.01 3.69
N THR B 314 -1.43 23.01 2.94
CA THR B 314 -0.94 24.25 2.35
C THR B 314 -1.93 24.79 1.33
N PHE B 315 -2.51 23.90 0.52
CA PHE B 315 -3.55 24.30 -0.43
C PHE B 315 -4.75 24.89 0.30
N SER B 316 -5.18 24.24 1.38
CA SER B 316 -6.31 24.75 2.15
C SER B 316 -6.00 26.12 2.74
N GLU B 317 -4.81 26.31 3.28
CA GLU B 317 -4.42 27.60 3.84
C GLU B 317 -4.41 28.68 2.77
N ARG B 318 -3.86 28.36 1.58
CA ARG B 318 -3.71 29.37 0.55
C ARG B 318 -5.01 29.67 -0.18
N LEU B 319 -6.00 28.78 -0.13
CA LEU B 319 -7.23 28.98 -0.87
C LEU B 319 -8.43 29.28 0.03
N LEU B 320 -8.73 28.38 0.97
CA LEU B 320 -9.97 28.44 1.73
C LEU B 320 -9.81 29.36 2.93
N GLY B 321 -10.90 29.55 3.67
CA GLY B 321 -10.88 30.31 4.89
C GLY B 321 -10.70 29.37 6.07
N ASN B 322 -11.78 29.12 6.80
CA ASN B 322 -11.76 28.08 7.82
C ASN B 322 -11.42 26.73 7.17
N PHE B 323 -10.27 26.18 7.53
CA PHE B 323 -9.70 25.04 6.83
C PHE B 323 -9.55 23.81 7.71
N SER B 324 -9.12 23.97 8.96
CA SER B 324 -8.88 22.83 9.83
C SER B 324 -10.15 22.03 10.10
N LEU B 325 -11.32 22.64 9.89
CA LEU B 325 -12.57 21.92 10.09
C LEU B 325 -12.81 20.89 8.99
N ALA B 326 -12.30 21.13 7.78
CA ALA B 326 -12.62 20.27 6.65
C ALA B 326 -11.41 19.52 6.10
N VAL B 327 -10.37 20.22 5.66
CA VAL B 327 -9.36 19.59 4.81
C VAL B 327 -8.48 18.63 5.60
N PRO B 328 -7.79 19.05 6.67
CA PRO B 328 -6.92 18.10 7.37
C PRO B 328 -7.66 16.90 7.93
N ILE B 329 -8.85 17.09 8.49
CA ILE B 329 -9.57 15.98 9.09
C ILE B 329 -10.05 15.01 8.01
N PHE B 330 -10.56 15.53 6.89
CA PHE B 330 -11.03 14.66 5.83
C PHE B 330 -9.89 13.89 5.19
N VAL B 331 -8.74 14.54 4.99
CA VAL B 331 -7.63 13.82 4.37
C VAL B 331 -7.04 12.81 5.34
N ALA B 332 -7.00 13.13 6.63
CA ALA B 332 -6.54 12.16 7.63
C ALA B 332 -7.45 10.95 7.67
N LEU B 333 -8.76 11.18 7.60
CA LEU B 333 -9.68 10.05 7.51
C LEU B 333 -9.48 9.26 6.23
N SER B 334 -9.21 9.93 5.11
CA SER B 334 -8.96 9.22 3.86
C SER B 334 -7.74 8.32 3.98
N CYS B 335 -6.67 8.81 4.58
CA CYS B 335 -5.51 7.98 4.87
C CYS B 335 -5.81 6.88 5.88
N PHE B 336 -6.78 7.11 6.77
CA PHE B 336 -7.18 6.08 7.73
C PHE B 336 -7.88 4.91 7.04
N GLY B 337 -8.58 5.19 5.94
CA GLY B 337 -9.33 4.13 5.27
C GLY B 337 -8.44 3.07 4.66
N SER B 338 -7.32 3.49 4.05
CA SER B 338 -6.41 2.54 3.42
C SER B 338 -5.80 1.60 4.46
N MET B 339 -5.74 2.04 5.71
CA MET B 339 -5.16 1.23 6.78
C MET B 339 -5.94 -0.06 7.00
N ASN B 340 -7.27 0.04 7.02
CA ASN B 340 -8.10 -1.10 7.37
C ASN B 340 -8.01 -2.20 6.31
N GLY B 341 -8.03 -1.81 5.03
CA GLY B 341 -8.09 -2.80 3.96
C GLY B 341 -6.84 -3.65 3.85
N GLY B 342 -5.66 -3.06 4.09
CA GLY B 342 -4.43 -3.78 3.84
C GLY B 342 -4.25 -5.01 4.71
N VAL B 343 -4.68 -4.91 5.97
CA VAL B 343 -4.52 -6.03 6.91
C VAL B 343 -5.29 -7.25 6.41
N PHE B 344 -6.52 -7.04 5.96
CA PHE B 344 -7.34 -8.14 5.45
C PHE B 344 -6.69 -8.76 4.22
N ALA B 345 -6.16 -7.93 3.32
CA ALA B 345 -5.54 -8.45 2.11
C ALA B 345 -4.30 -9.28 2.42
N VAL B 346 -3.43 -8.78 3.30
CA VAL B 346 -2.22 -9.53 3.62
C VAL B 346 -2.56 -10.81 4.37
N SER B 347 -3.62 -10.76 5.19
CA SER B 347 -4.07 -11.97 5.88
C SER B 347 -4.60 -12.99 4.88
N ARG B 348 -5.33 -12.53 3.86
CA ARG B 348 -5.88 -13.39 2.83
C ARG B 348 -4.73 -14.03 2.07
N LEU B 349 -3.67 -13.26 1.82
CA LEU B 349 -2.50 -13.74 1.09
C LEU B 349 -1.96 -15.05 1.65
N PHE B 350 -1.90 -15.16 2.97
CA PHE B 350 -1.35 -16.35 3.61
C PHE B 350 -2.20 -17.59 3.35
N TYR B 351 -3.50 -17.40 3.07
CA TYR B 351 -4.40 -18.53 2.89
C TYR B 351 -3.98 -19.40 1.72
N VAL B 352 -3.62 -18.78 0.60
CA VAL B 352 -3.22 -19.56 -0.58
C VAL B 352 -1.79 -20.04 -0.46
N ALA B 353 -0.94 -19.28 0.25
CA ALA B 353 0.45 -19.69 0.44
C ALA B 353 0.60 -20.93 1.30
N SER B 354 -0.44 -21.28 2.07
CA SER B 354 -0.36 -22.47 2.90
C SER B 354 -0.51 -23.74 2.08
N ARG B 355 -1.24 -23.69 0.97
CA ARG B 355 -1.45 -24.87 0.15
C ARG B 355 -0.13 -25.37 -0.43
N GLU B 356 0.69 -24.47 -0.97
CA GLU B 356 1.97 -24.89 -1.52
C GLU B 356 2.98 -25.20 -0.43
N GLY B 357 2.80 -24.62 0.76
CA GLY B 357 3.69 -24.90 1.87
C GLY B 357 4.96 -24.06 1.83
N HIS B 358 4.81 -22.76 1.58
CA HIS B 358 5.95 -21.85 1.55
C HIS B 358 6.12 -21.08 2.85
N LEU B 359 5.05 -20.86 3.59
CA LEU B 359 5.05 -20.17 4.87
C LEU B 359 4.39 -21.08 5.90
N PRO B 360 4.73 -20.91 7.18
CA PRO B 360 4.07 -21.72 8.21
C PRO B 360 2.56 -21.50 8.18
N GLU B 361 1.82 -22.59 8.39
CA GLU B 361 0.37 -22.54 8.32
C GLU B 361 -0.24 -21.64 9.39
N ILE B 362 0.53 -21.30 10.43
CA ILE B 362 0.01 -20.46 11.49
C ILE B 362 -0.27 -19.04 11.02
N LEU B 363 0.33 -18.64 9.90
CA LEU B 363 0.12 -17.27 9.42
C LEU B 363 -1.25 -17.07 8.77
N SER B 364 -1.87 -18.13 8.27
CA SER B 364 -3.21 -18.06 7.69
C SER B 364 -4.26 -18.56 8.67
N MET B 365 -3.98 -18.43 9.96
CA MET B 365 -4.76 -19.05 11.02
C MET B 365 -5.81 -18.04 11.50
N ILE B 366 -6.87 -18.52 12.14
CA ILE B 366 -7.92 -17.61 12.58
C ILE B 366 -8.35 -17.93 14.01
N HIS B 367 -8.96 -16.94 14.64
CA HIS B 367 -9.50 -17.06 15.99
C HIS B 367 -10.57 -18.14 16.06
N VAL B 368 -10.73 -18.71 17.26
CA VAL B 368 -11.78 -19.72 17.47
C VAL B 368 -13.15 -19.09 17.27
N ARG B 369 -13.52 -18.18 18.16
CA ARG B 369 -14.69 -17.31 18.04
C ARG B 369 -14.20 -15.88 17.92
N LYS B 370 -15.13 -14.98 17.58
CA LYS B 370 -14.79 -13.57 17.35
C LYS B 370 -13.75 -13.51 16.23
N HIS B 371 -14.18 -13.98 15.06
CA HIS B 371 -13.28 -14.37 13.97
C HIS B 371 -12.55 -13.15 13.43
N THR B 372 -11.26 -13.06 13.69
CA THR B 372 -10.42 -12.00 13.15
C THR B 372 -9.09 -12.59 12.72
N PRO B 373 -8.42 -11.99 11.74
CA PRO B 373 -7.08 -12.48 11.35
C PRO B 373 -6.03 -12.10 12.37
N LEU B 374 -6.15 -12.66 13.57
CA LEU B 374 -5.24 -12.29 14.67
C LEU B 374 -3.79 -12.69 14.42
N PRO B 375 -3.45 -13.89 13.95
CA PRO B 375 -2.03 -14.25 13.87
C PRO B 375 -1.29 -13.54 12.74
N ALA B 376 -1.99 -12.99 11.77
CA ALA B 376 -1.35 -12.28 10.66
C ALA B 376 -1.13 -10.80 10.96
N VAL B 377 -1.57 -10.32 12.12
CA VAL B 377 -1.38 -8.92 12.46
C VAL B 377 -0.18 -8.79 13.40
N ILE B 378 0.06 -9.84 14.20
CA ILE B 378 1.19 -9.82 15.13
C ILE B 378 2.53 -10.06 14.44
N VAL B 379 2.51 -10.57 13.21
CA VAL B 379 3.73 -10.73 12.43
C VAL B 379 3.98 -9.56 11.50
N LEU B 380 2.99 -8.69 11.30
CA LEU B 380 3.13 -7.52 10.45
C LEU B 380 3.27 -6.22 11.22
N HIS B 381 2.69 -6.14 12.42
CA HIS B 381 2.79 -4.91 13.22
C HIS B 381 4.23 -4.56 13.58
N PRO B 382 5.03 -5.46 14.19
CA PRO B 382 6.40 -5.05 14.55
C PRO B 382 7.25 -4.64 13.35
N LEU B 383 7.07 -5.28 12.20
CA LEU B 383 7.79 -4.85 11.02
C LEU B 383 7.41 -3.42 10.63
N THR B 384 6.11 -3.09 10.72
CA THR B 384 5.67 -1.73 10.46
C THR B 384 6.29 -0.75 11.45
N MET B 385 6.37 -1.14 12.72
CA MET B 385 7.04 -0.29 13.70
C MET B 385 8.49 -0.05 13.30
N ILE B 386 9.18 -1.11 12.87
CA ILE B 386 10.59 -0.98 12.51
C ILE B 386 10.74 -0.02 11.34
N MET B 387 9.93 -0.18 10.29
CA MET B 387 10.05 0.71 9.14
C MET B 387 9.71 2.15 9.50
N LEU B 388 8.64 2.35 10.28
CA LEU B 388 8.23 3.73 10.56
C LEU B 388 9.21 4.42 11.50
N PHE B 389 9.80 3.70 12.43
CA PHE B 389 10.77 4.30 13.35
C PHE B 389 12.17 4.35 12.79
N SER B 390 12.46 3.65 11.70
CA SER B 390 13.78 3.62 11.12
C SER B 390 13.72 3.88 9.61
N GLY B 391 12.87 4.81 9.20
CA GLY B 391 12.73 5.11 7.79
C GLY B 391 12.05 6.44 7.58
N ASP B 392 12.19 6.96 6.36
CA ASP B 392 11.62 8.24 5.97
C ASP B 392 10.71 8.03 4.77
N LEU B 393 9.77 8.96 4.59
CA LEU B 393 8.82 8.86 3.49
C LEU B 393 9.53 8.86 2.14
N ASP B 394 10.60 9.64 2.02
CA ASP B 394 11.35 9.66 0.78
C ASP B 394 12.04 8.32 0.51
N SER B 395 12.53 7.66 1.56
CA SER B 395 13.29 6.42 1.43
C SER B 395 12.42 5.17 1.51
N LEU B 396 11.41 5.17 2.40
CA LEU B 396 10.55 3.99 2.51
C LEU B 396 9.78 3.75 1.23
N LEU B 397 9.35 4.83 0.57
CA LEU B 397 8.60 4.68 -0.68
C LEU B 397 9.45 4.00 -1.74
N ASN B 398 10.70 4.42 -1.89
CA ASN B 398 11.59 3.76 -2.83
C ASN B 398 11.86 2.32 -2.41
N PHE B 399 12.04 2.10 -1.11
CA PHE B 399 12.32 0.77 -0.60
C PHE B 399 11.21 -0.21 -0.96
N LEU B 400 9.96 0.23 -0.81
CA LEU B 400 8.84 -0.65 -1.17
C LEU B 400 8.67 -0.74 -2.68
N SER B 401 8.82 0.39 -3.38
CA SER B 401 8.52 0.45 -4.80
C SER B 401 9.49 -0.39 -5.62
N PHE B 402 10.77 -0.38 -5.27
CA PHE B 402 11.74 -1.17 -6.03
C PHE B 402 11.32 -2.63 -6.09
N ALA B 403 11.09 -3.24 -4.93
CA ALA B 403 10.73 -4.65 -4.90
C ALA B 403 9.36 -4.88 -5.53
N ARG B 404 8.36 -4.07 -5.17
CA ARG B 404 7.02 -4.33 -5.65
C ARG B 404 6.94 -4.20 -7.17
N TRP B 405 7.60 -3.20 -7.75
CA TRP B 405 7.52 -3.02 -9.18
C TRP B 405 8.42 -3.97 -9.93
N LEU B 406 9.57 -4.35 -9.37
CA LEU B 406 10.35 -5.41 -9.97
C LEU B 406 9.51 -6.68 -10.11
N PHE B 407 8.81 -7.06 -9.03
CA PHE B 407 8.05 -8.30 -9.08
C PHE B 407 6.78 -8.18 -9.91
N ILE B 408 6.11 -7.03 -9.90
CA ILE B 408 4.93 -6.87 -10.76
C ILE B 408 5.33 -6.90 -12.22
N GLY B 409 6.42 -6.22 -12.58
CA GLY B 409 6.91 -6.29 -13.95
C GLY B 409 7.32 -7.69 -14.35
N LEU B 410 7.94 -8.43 -13.44
CA LEU B 410 8.29 -9.81 -13.72
C LEU B 410 7.05 -10.65 -13.96
N ALA B 411 6.01 -10.44 -13.15
CA ALA B 411 4.76 -11.17 -13.32
C ALA B 411 4.12 -10.85 -14.68
N VAL B 412 4.06 -9.57 -15.03
CA VAL B 412 3.49 -9.19 -16.32
C VAL B 412 4.34 -9.70 -17.46
N ALA B 413 5.67 -9.74 -17.28
CA ALA B 413 6.56 -10.26 -18.31
C ALA B 413 6.29 -11.72 -18.60
N GLY B 414 5.61 -12.44 -17.70
CA GLY B 414 5.24 -13.81 -17.98
C GLY B 414 4.18 -13.94 -19.06
N LEU B 415 3.45 -12.87 -19.33
CA LEU B 415 2.46 -12.92 -20.41
C LEU B 415 3.11 -13.16 -21.75
N ILE B 416 4.25 -12.53 -22.02
CA ILE B 416 4.96 -12.77 -23.26
C ILE B 416 5.36 -14.25 -23.34
N TYR B 417 5.93 -14.77 -22.25
CA TYR B 417 6.33 -16.17 -22.22
C TYR B 417 5.11 -17.09 -22.36
N LEU B 418 4.03 -16.79 -21.66
CA LEU B 418 2.86 -17.65 -21.71
C LEU B 418 2.23 -17.65 -23.10
N ARG B 419 2.18 -16.49 -23.75
CA ARG B 419 1.59 -16.41 -25.08
C ARG B 419 2.52 -16.94 -26.16
N TYR B 420 3.82 -17.01 -25.90
CA TYR B 420 4.72 -17.61 -26.87
C TYR B 420 4.79 -19.12 -26.75
N LYS B 421 4.70 -19.67 -25.53
CA LYS B 421 4.77 -21.10 -25.30
C LYS B 421 3.41 -21.62 -24.86
N CYS B 422 2.91 -22.63 -25.59
CA CYS B 422 1.62 -23.27 -25.32
C CYS B 422 0.48 -22.26 -25.38
N PRO B 423 0.12 -21.77 -26.57
CA PRO B 423 -0.96 -20.77 -26.70
C PRO B 423 -2.33 -21.41 -26.84
N ASP B 424 -2.70 -22.23 -25.86
CA ASP B 424 -4.02 -22.86 -25.85
C ASP B 424 -4.46 -23.00 -24.38
N MET B 425 -5.17 -21.98 -23.90
CA MET B 425 -5.71 -22.00 -22.55
C MET B 425 -7.13 -21.47 -22.49
N HIS B 426 -7.81 -21.34 -23.63
CA HIS B 426 -9.14 -20.74 -23.71
C HIS B 426 -9.14 -19.34 -23.09
N ARG B 427 -8.27 -18.50 -23.62
CA ARG B 427 -8.15 -17.13 -23.12
C ARG B 427 -9.41 -16.36 -23.45
N PRO B 428 -10.15 -15.85 -22.46
CA PRO B 428 -11.36 -15.10 -22.75
C PRO B 428 -11.07 -13.79 -23.48
N PHE B 429 -10.18 -12.99 -22.90
CA PHE B 429 -9.79 -11.71 -23.48
C PHE B 429 -8.33 -11.79 -23.92
N LYS B 430 -8.08 -11.49 -25.19
CA LYS B 430 -6.75 -11.56 -25.77
C LYS B 430 -6.18 -10.15 -25.80
N VAL B 431 -5.43 -9.80 -24.77
CA VAL B 431 -4.74 -8.50 -24.75
C VAL B 431 -3.70 -8.48 -25.86
N PRO B 432 -3.60 -7.41 -26.64
CA PRO B 432 -2.65 -7.39 -27.77
C PRO B 432 -1.21 -7.54 -27.31
N LEU B 433 -0.32 -7.72 -28.28
CA LEU B 433 1.07 -8.02 -27.98
C LEU B 433 1.77 -6.86 -27.29
N PHE B 434 1.54 -5.64 -27.75
CA PHE B 434 2.40 -4.54 -27.33
C PHE B 434 2.15 -4.08 -25.91
N ILE B 435 0.96 -4.29 -25.35
CA ILE B 435 0.64 -3.73 -24.04
C ILE B 435 1.45 -4.42 -22.95
N PRO B 436 1.34 -5.74 -22.73
CA PRO B 436 2.14 -6.35 -21.65
C PRO B 436 3.63 -6.24 -21.88
N ALA B 437 4.07 -6.36 -23.13
CA ALA B 437 5.49 -6.25 -23.43
C ALA B 437 6.03 -4.87 -23.09
N LEU B 438 5.33 -3.81 -23.50
CA LEU B 438 5.76 -2.47 -23.18
C LEU B 438 5.74 -2.22 -21.68
N PHE B 439 4.70 -2.67 -20.99
CA PHE B 439 4.63 -2.46 -19.55
C PHE B 439 5.78 -3.15 -18.85
N SER B 440 6.02 -4.42 -19.17
CA SER B 440 7.08 -5.17 -18.52
C SER B 440 8.44 -4.57 -18.82
N PHE B 441 8.70 -4.22 -20.08
CA PHE B 441 10.00 -3.66 -20.43
C PHE B 441 10.24 -2.34 -19.70
N THR B 442 9.26 -1.45 -19.72
CA THR B 442 9.44 -0.17 -19.05
C THR B 442 9.66 -0.36 -17.55
N CYS B 443 8.83 -1.20 -16.93
CA CYS B 443 8.96 -1.41 -15.49
C CYS B 443 10.32 -1.99 -15.14
N LEU B 444 10.72 -3.06 -15.80
CA LEU B 444 12.01 -3.69 -15.48
C LEU B 444 13.17 -2.75 -15.74
N PHE B 445 13.17 -2.09 -16.91
CA PHE B 445 14.28 -1.22 -17.24
C PHE B 445 14.42 -0.08 -16.25
N MET B 446 13.31 0.57 -15.92
CA MET B 446 13.43 1.74 -15.06
C MET B 446 13.62 1.36 -13.59
N VAL B 447 13.11 0.20 -13.17
CA VAL B 447 13.43 -0.30 -11.84
C VAL B 447 14.93 -0.60 -11.74
N ALA B 448 15.50 -1.22 -12.78
CA ALA B 448 16.93 -1.49 -12.79
C ALA B 448 17.73 -0.19 -12.77
N LEU B 449 17.27 0.81 -13.53
CA LEU B 449 17.95 2.11 -13.49
C LEU B 449 17.80 2.76 -12.13
N SER B 450 16.75 2.42 -11.38
CA SER B 450 16.57 2.97 -10.05
C SER B 450 17.66 2.53 -9.07
N LEU B 451 18.41 1.48 -9.39
CA LEU B 451 19.53 1.11 -8.53
C LEU B 451 20.59 2.20 -8.51
N TYR B 452 20.87 2.81 -9.66
CA TYR B 452 21.85 3.88 -9.71
C TYR B 452 21.42 5.07 -8.85
N SER B 453 20.16 5.46 -8.94
CA SER B 453 19.62 6.49 -8.06
C SER B 453 19.52 5.95 -6.65
N ASP B 454 19.80 6.82 -5.67
CA ASP B 454 19.71 6.55 -4.23
C ASP B 454 20.09 5.11 -3.84
N PRO B 455 21.27 4.64 -4.24
CA PRO B 455 21.59 3.21 -4.09
C PRO B 455 21.55 2.72 -2.66
N PHE B 456 21.87 3.57 -1.68
CA PHE B 456 21.86 3.13 -0.29
C PHE B 456 20.46 2.87 0.25
N SER B 457 19.42 3.24 -0.49
CA SER B 457 18.04 3.01 -0.06
C SER B 457 17.43 1.77 -0.67
N THR B 458 17.68 1.50 -1.94
CA THR B 458 17.19 0.29 -2.59
C THR B 458 18.15 -0.87 -2.48
N GLY B 459 19.37 -0.64 -1.99
CA GLY B 459 20.30 -1.74 -1.80
C GLY B 459 19.81 -2.75 -0.79
N ILE B 460 19.17 -2.27 0.29
CA ILE B 460 18.61 -3.19 1.29
C ILE B 460 17.50 -4.02 0.66
N GLY B 461 16.63 -3.39 -0.11
CA GLY B 461 15.58 -4.15 -0.78
C GLY B 461 16.14 -5.18 -1.73
N PHE B 462 17.20 -4.81 -2.46
CA PHE B 462 17.82 -5.73 -3.41
C PHE B 462 18.45 -6.92 -2.69
N VAL B 463 19.16 -6.67 -1.58
CA VAL B 463 19.79 -7.78 -0.89
C VAL B 463 18.76 -8.64 -0.19
N ILE B 464 17.62 -8.08 0.23
CA ILE B 464 16.57 -8.90 0.80
C ILE B 464 15.92 -9.77 -0.28
N THR B 465 15.62 -9.18 -1.44
CA THR B 465 15.00 -9.99 -2.49
C THR B 465 15.97 -11.00 -3.07
N LEU B 466 17.27 -10.79 -2.91
CA LEU B 466 18.25 -11.84 -3.19
C LEU B 466 18.43 -12.78 -2.01
N THR B 467 17.99 -12.40 -0.81
CA THR B 467 18.11 -13.28 0.34
C THR B 467 17.12 -14.43 0.26
N GLY B 468 16.04 -14.26 -0.50
CA GLY B 468 15.08 -15.33 -0.67
C GLY B 468 15.66 -16.55 -1.35
N VAL B 469 16.62 -16.34 -2.27
CA VAL B 469 17.23 -17.48 -2.96
C VAL B 469 17.97 -18.40 -1.99
N PRO B 470 18.84 -17.91 -1.10
CA PRO B 470 19.31 -18.79 -0.02
C PRO B 470 18.20 -19.24 0.91
N ALA B 471 17.17 -18.42 1.10
CA ALA B 471 16.08 -18.74 2.01
C ALA B 471 15.23 -19.91 1.54
N TYR B 472 15.55 -20.52 0.40
CA TYR B 472 14.82 -21.70 -0.05
C TYR B 472 15.26 -22.95 0.70
N TYR B 473 16.30 -22.85 1.54
CA TYR B 473 16.72 -23.99 2.36
C TYR B 473 15.71 -24.29 3.46
N LEU B 474 14.87 -23.33 3.83
CA LEU B 474 13.77 -23.62 4.73
C LEU B 474 12.76 -24.55 4.09
N PHE B 475 12.71 -24.59 2.76
CA PHE B 475 11.79 -25.44 2.03
C PHE B 475 12.44 -26.72 1.52
N ILE B 476 13.74 -26.71 1.25
CA ILE B 476 14.47 -27.92 0.87
C ILE B 476 15.71 -28.06 1.75
N ILE B 477 15.87 -29.23 2.36
CA ILE B 477 17.00 -29.53 3.24
C ILE B 477 17.05 -31.03 3.47
N TRP B 478 18.26 -31.57 3.67
CA TRP B 478 18.41 -33.00 3.87
C TRP B 478 17.80 -33.43 5.20
N ASP B 479 18.38 -32.95 6.31
CA ASP B 479 17.90 -33.26 7.65
C ASP B 479 17.98 -32.00 8.49
N LYS B 480 16.85 -31.56 9.03
CA LYS B 480 16.85 -30.32 9.81
C LYS B 480 17.60 -30.47 11.12
N LYS B 481 17.86 -31.69 11.59
CA LYS B 481 18.61 -31.94 12.80
C LYS B 481 18.01 -31.14 13.96
N PRO B 482 16.89 -31.59 14.51
CA PRO B 482 16.07 -30.72 15.37
C PRO B 482 16.71 -30.33 16.70
N ARG B 483 18.01 -30.62 16.88
CA ARG B 483 18.71 -30.15 18.07
C ARG B 483 18.65 -28.63 18.16
N TRP B 484 18.74 -27.94 17.03
CA TRP B 484 18.62 -26.48 16.97
C TRP B 484 17.43 -26.00 16.15
N PHE B 485 16.50 -26.90 15.77
CA PHE B 485 15.35 -26.48 14.97
C PHE B 485 14.22 -27.50 15.18
N ARG B 486 13.20 -27.41 14.34
CA ARG B 486 12.03 -28.28 14.37
C ARG B 486 11.42 -28.41 15.76
N ILE B 487 12.12 -29.09 16.68
CA ILE B 487 11.60 -29.25 18.03
C ILE B 487 11.41 -27.91 18.70
N MET B 488 12.40 -27.01 18.56
CA MET B 488 12.24 -25.66 19.08
C MET B 488 11.10 -24.94 18.37
N SER B 489 10.95 -25.16 17.07
CA SER B 489 9.82 -24.60 16.34
C SER B 489 8.51 -25.19 16.86
N GLU B 490 8.49 -26.49 17.16
CA GLU B 490 7.28 -27.12 17.67
C GLU B 490 6.84 -26.47 18.98
N LYS B 491 7.79 -26.18 19.87
CA LYS B 491 7.45 -25.43 21.07
C LYS B 491 6.99 -24.02 20.71
N ILE B 492 7.66 -23.38 19.75
CA ILE B 492 7.32 -22.01 19.41
C ILE B 492 5.96 -21.93 18.73
N THR B 493 5.72 -22.80 17.74
CA THR B 493 4.44 -22.75 17.03
C THR B 493 3.29 -23.09 17.97
N ARG B 494 3.46 -24.08 18.83
CA ARG B 494 2.43 -24.41 19.79
C ARG B 494 2.20 -23.28 20.78
N THR B 495 3.27 -22.65 21.25
CA THR B 495 3.12 -21.54 22.18
C THR B 495 2.35 -20.39 21.55
N LEU B 496 2.69 -20.03 20.32
CA LEU B 496 1.96 -18.95 19.65
C LEU B 496 0.51 -19.34 19.39
N GLN B 497 0.26 -20.58 18.97
CA GLN B 497 -1.12 -21.00 18.70
C GLN B 497 -1.96 -20.97 19.98
N ILE B 498 -1.40 -21.43 21.09
CA ILE B 498 -2.15 -21.42 22.35
C ILE B 498 -2.37 -19.99 22.84
N ILE B 499 -1.32 -19.16 22.79
CA ILE B 499 -1.43 -17.80 23.31
C ILE B 499 -2.43 -16.99 22.50
N LEU B 500 -2.39 -17.12 21.18
CA LEU B 500 -3.21 -16.29 20.30
C LEU B 500 -4.62 -16.82 20.09
N GLU B 501 -4.96 -18.02 20.60
CA GLU B 501 -6.31 -18.56 20.50
C GLU B 501 -6.77 -18.66 19.05
N VAL B 502 -6.14 -19.57 18.32
CA VAL B 502 -6.38 -19.72 16.89
C VAL B 502 -6.68 -21.17 16.54
N VAL B 503 -7.67 -21.37 15.67
CA VAL B 503 -7.95 -22.66 15.06
C VAL B 503 -8.10 -22.46 13.55
N PRO B 504 -7.84 -23.50 12.76
CA PRO B 504 -7.95 -23.35 11.30
C PRO B 504 -9.39 -23.09 10.87
N GLU B 505 -9.54 -22.53 9.66
CA GLU B 505 -10.86 -22.13 9.19
C GLU B 505 -11.81 -23.31 9.13
N GLU B 506 -11.56 -24.25 8.22
CA GLU B 506 -12.38 -25.45 8.12
C GLU B 506 -11.56 -26.70 7.81
N ASP B 507 -10.24 -26.63 7.77
CA ASP B 507 -9.42 -27.78 7.45
C ASP B 507 -9.40 -28.79 8.59
#